data_6OQX
#
_entry.id   6OQX
#
_cell.length_a   46.547
_cell.length_b   46.547
_cell.length_c   220.998
_cell.angle_alpha   90.00
_cell.angle_beta   90.00
_cell.angle_gamma   90.00
#
_symmetry.space_group_name_H-M   'P 43 21 2'
#
loop_
_entity.id
_entity.type
_entity.pdbx_description
1 polymer 'Nuclear receptor subfamily 5 group A member 2'
2 polymer 'Nuclear receptor coactivator 2'
3 non-polymer '(8beta,11alpha,12alpha)-8-(1-phenylethenyl)-1,6:7,14-dicycloprosta-1,3,5,7(14)-tetraen-11-yl sulfamate'
4 water water
#
loop_
_entity_poly.entity_id
_entity_poly.type
_entity_poly.pdbx_seq_one_letter_code
_entity_poly.pdbx_strand_id
1 'polypeptide(L)'
;SNASIPHLILELLKCEPDEPQVQAKIMAYLQQEQANRSKHEKLSTFGLMCKMADQTLFSIVEWARSSIFFRELKVDDQMK
LLQNCWSELLILDHIYRQVVHGKEGSIFLVTGQQVDYSIIASQAGATLNNLMSHAQELVAKLRSLQFDQREFVCLKFLVL
FSLDVKNLENFQLVEGVQEQVNAALLDYTMCNYPQQTEKFGQLLLRLPEIRAISMQAEEYLYYKHLNGDVPYNNLLIEML
HAKRA
;
A
2 'polypeptide(L)' KENALLRYLLDKDDT C
#
# COMPACT_ATOMS: atom_id res chain seq x y z
N SER A 4 -11.75 6.30 -23.74
CA SER A 4 -12.43 5.04 -23.47
C SER A 4 -11.66 4.26 -22.40
N ILE A 5 -12.37 3.37 -21.71
CA ILE A 5 -11.80 2.61 -20.60
C ILE A 5 -12.00 1.11 -20.90
N PRO A 6 -10.94 0.31 -20.93
CA PRO A 6 -11.13 -1.13 -21.10
C PRO A 6 -12.04 -1.70 -20.03
N HIS A 7 -12.86 -2.68 -20.41
CA HIS A 7 -13.79 -3.28 -19.46
C HIS A 7 -13.07 -3.79 -18.21
N LEU A 8 -11.88 -4.37 -18.39
CA LEU A 8 -11.16 -4.94 -17.25
C LEU A 8 -10.86 -3.87 -16.20
N ILE A 9 -10.42 -2.69 -16.64
CA ILE A 9 -10.11 -1.63 -15.68
C ILE A 9 -11.36 -1.17 -14.95
N LEU A 10 -12.50 -1.16 -15.63
CA LEU A 10 -13.75 -0.84 -14.96
C LEU A 10 -14.05 -1.84 -13.85
N GLU A 11 -13.75 -3.12 -14.10
CA GLU A 11 -13.96 -4.13 -13.06
C GLU A 11 -13.04 -3.89 -11.87
N LEU A 12 -11.80 -3.46 -12.12
CA LEU A 12 -10.90 -3.14 -11.02
C LEU A 12 -11.40 -1.93 -10.24
N LEU A 13 -11.90 -0.92 -10.95
CA LEU A 13 -12.44 0.27 -10.28
C LEU A 13 -13.60 -0.09 -9.36
N LYS A 14 -14.47 -0.99 -9.80
CA LYS A 14 -15.60 -1.41 -8.98
C LYS A 14 -15.16 -1.91 -7.61
N CYS A 15 -13.97 -2.49 -7.52
CA CYS A 15 -13.50 -3.12 -6.30
C CYS A 15 -12.82 -2.15 -5.34
N GLU A 16 -12.69 -0.87 -5.72
CA GLU A 16 -12.01 0.08 -4.85
C GLU A 16 -12.85 0.36 -3.61
N PRO A 17 -12.23 0.48 -2.44
CA PRO A 17 -12.99 0.80 -1.22
C PRO A 17 -13.42 2.25 -1.23
N ASP A 18 -14.44 2.54 -0.42
CA ASP A 18 -14.88 3.92 -0.21
C ASP A 18 -13.88 4.60 0.71
N GLU A 19 -13.04 5.48 0.15
CA GLU A 19 -11.90 6.02 0.86
C GLU A 19 -12.31 6.84 2.08
N PRO A 20 -13.32 7.72 1.98
CA PRO A 20 -13.70 8.49 3.16
C PRO A 20 -14.08 7.62 4.35
N GLN A 21 -14.77 6.51 4.09
CA GLN A 21 -15.17 5.61 5.19
C GLN A 21 -13.97 4.86 5.75
N VAL A 22 -13.04 4.45 4.89
CA VAL A 22 -11.82 3.81 5.37
C VAL A 22 -11.04 4.76 6.26
N GLN A 23 -10.88 6.01 5.81
CA GLN A 23 -10.09 6.98 6.56
C GLN A 23 -10.79 7.36 7.85
N ALA A 24 -12.11 7.59 7.81
CA ALA A 24 -12.84 7.92 9.03
C ALA A 24 -12.70 6.81 10.06
N LYS A 25 -12.85 5.56 9.62
CA LYS A 25 -12.74 4.42 10.52
C LYS A 25 -11.38 4.40 11.22
N ILE A 26 -10.31 4.59 10.44
CA ILE A 26 -8.96 4.57 11.02
C ILE A 26 -8.78 5.76 11.96
N MET A 27 -9.23 6.94 11.55
CA MET A 27 -9.17 8.11 12.41
C MET A 27 -9.85 7.83 13.75
N ALA A 28 -11.06 7.26 13.70
CA ALA A 28 -11.80 7.00 14.92
C ALA A 28 -11.07 5.99 15.80
N TYR A 29 -10.54 4.92 15.20
CA TYR A 29 -9.81 3.93 15.99
C TYR A 29 -8.68 4.58 16.77
N LEU A 30 -7.86 5.39 16.09
CA LEU A 30 -6.69 5.97 16.75
C LEU A 30 -7.10 6.98 17.82
N GLN A 31 -8.21 7.69 17.63
CA GLN A 31 -8.68 8.61 18.66
C GLN A 31 -9.01 7.86 19.94
N GLN A 32 -9.65 6.69 19.81
CA GLN A 32 -9.99 5.89 20.98
C GLN A 32 -8.72 5.45 21.73
N GLU A 33 -7.72 4.97 20.98
CA GLU A 33 -6.50 4.49 21.62
C GLU A 33 -5.80 5.61 22.38
N GLN A 34 -5.73 6.81 21.80
CA GLN A 34 -5.18 7.96 22.51
C GLN A 34 -5.96 8.22 23.80
N ALA A 35 -7.29 8.21 23.71
CA ALA A 35 -8.12 8.51 24.87
C ALA A 35 -7.85 7.53 26.00
N ASN A 36 -7.60 6.26 25.68
CA ASN A 36 -7.38 5.26 26.71
C ASN A 36 -6.00 5.37 27.36
N ARG A 37 -5.07 6.12 26.75
CA ARG A 37 -3.73 6.25 27.31
C ARG A 37 -3.67 7.41 28.29
N SER A 38 -3.03 7.17 29.43
CA SER A 38 -2.91 8.17 30.47
C SER A 38 -1.66 9.04 30.25
N LYS A 39 -1.58 10.13 31.00
CA LYS A 39 -0.49 11.09 30.92
C LYS A 39 0.86 10.43 30.69
N HIS A 40 1.23 9.49 31.56
CA HIS A 40 2.56 8.90 31.54
C HIS A 40 2.63 7.65 30.66
N GLU A 41 1.64 7.44 29.79
CA GLU A 41 1.70 6.39 28.79
C GLU A 41 1.84 7.01 27.41
N LYS A 42 2.71 8.01 27.29
CA LYS A 42 2.95 8.64 26.01
C LYS A 42 3.36 7.59 24.98
N LEU A 43 2.85 7.72 23.77
CA LEU A 43 3.17 6.78 22.70
C LEU A 43 4.02 7.50 21.66
N SER A 44 5.16 6.89 21.35
CA SER A 44 6.11 7.45 20.41
C SER A 44 5.45 7.76 19.07
N THR A 45 5.93 8.82 18.42
CA THR A 45 5.46 9.15 17.08
C THR A 45 5.66 7.99 16.13
N PHE A 46 6.80 7.32 16.22
CA PHE A 46 7.00 6.08 15.46
C PHE A 46 5.91 5.07 15.80
N GLY A 47 5.62 4.91 17.09
CA GLY A 47 4.61 3.95 17.50
C GLY A 47 3.23 4.28 16.96
N LEU A 48 2.89 5.58 16.92
CA LEU A 48 1.63 5.98 16.33
C LEU A 48 1.55 5.58 14.86
N MET A 49 2.63 5.82 14.11
CA MET A 49 2.64 5.46 12.70
C MET A 49 2.51 3.95 12.51
N CYS A 50 3.10 3.17 13.40
CA CYS A 50 2.93 1.72 13.34
C CYS A 50 1.47 1.33 13.51
N LYS A 51 0.79 1.92 14.50
CA LYS A 51 -0.63 1.65 14.68
C LYS A 51 -1.43 2.09 13.45
N MET A 52 -1.10 3.25 12.89
CA MET A 52 -1.82 3.74 11.72
C MET A 52 -1.59 2.82 10.53
N ALA A 53 -0.34 2.41 10.30
CA ALA A 53 -0.05 1.44 9.24
C ALA A 53 -0.76 0.13 9.50
N ASP A 54 -0.80 -0.30 10.77
CA ASP A 54 -1.49 -1.53 11.12
C ASP A 54 -2.94 -1.48 10.68
N GLN A 55 -3.65 -0.40 11.01
CA GLN A 55 -5.05 -0.29 10.64
C GLN A 55 -5.23 -0.19 9.13
N THR A 56 -4.27 0.43 8.43
CA THR A 56 -4.33 0.46 6.98
C THR A 56 -4.23 -0.94 6.40
N LEU A 57 -3.44 -1.81 7.03
CA LEU A 57 -3.31 -3.18 6.56
C LEU A 57 -4.63 -3.93 6.66
N PHE A 58 -5.38 -3.71 7.75
CA PHE A 58 -6.69 -4.35 7.87
C PHE A 58 -7.56 -4.03 6.67
N SER A 59 -7.59 -2.75 6.27
CA SER A 59 -8.43 -2.34 5.15
C SER A 59 -7.89 -2.90 3.84
N ILE A 60 -6.57 -2.98 3.70
CA ILE A 60 -5.98 -3.57 2.50
C ILE A 60 -6.40 -5.03 2.39
N VAL A 61 -6.37 -5.77 3.50
CA VAL A 61 -6.76 -7.17 3.46
C VAL A 61 -8.21 -7.31 3.02
N GLU A 62 -9.10 -6.53 3.61
CA GLU A 62 -10.52 -6.64 3.27
C GLU A 62 -10.79 -6.17 1.85
N TRP A 63 -10.01 -5.20 1.36
CA TRP A 63 -10.10 -4.83 -0.05
C TRP A 63 -9.76 -6.02 -0.94
N ALA A 64 -8.57 -6.59 -0.74
CA ALA A 64 -8.15 -7.75 -1.53
C ALA A 64 -9.20 -8.85 -1.45
N ARG A 65 -9.66 -9.15 -0.24
CA ARG A 65 -10.59 -10.26 -0.03
C ARG A 65 -11.79 -10.18 -0.96
N SER A 66 -12.29 -8.98 -1.22
CA SER A 66 -13.50 -8.78 -2.01
C SER A 66 -13.21 -8.48 -3.47
N SER A 67 -11.94 -8.45 -3.87
CA SER A 67 -11.60 -8.01 -5.22
C SER A 67 -11.74 -9.14 -6.23
N ILE A 68 -12.10 -8.75 -7.45
CA ILE A 68 -12.18 -9.67 -8.59
C ILE A 68 -10.87 -10.43 -8.72
N PHE A 69 -10.96 -11.70 -9.15
CA PHE A 69 -9.80 -12.58 -9.31
C PHE A 69 -9.26 -13.06 -7.96
N PHE A 70 -8.86 -12.13 -7.10
CA PHE A 70 -8.32 -12.51 -5.80
C PHE A 70 -9.29 -13.41 -5.04
N ARG A 71 -10.58 -13.09 -5.08
CA ARG A 71 -11.57 -13.88 -4.37
C ARG A 71 -11.77 -15.27 -4.97
N GLU A 72 -11.20 -15.54 -6.15
CA GLU A 72 -11.26 -16.88 -6.72
C GLU A 72 -10.19 -17.79 -6.18
N LEU A 73 -9.16 -17.23 -5.53
CA LEU A 73 -8.05 -18.03 -5.01
C LEU A 73 -8.43 -18.68 -3.69
N LYS A 74 -7.86 -19.86 -3.44
CA LYS A 74 -7.95 -20.48 -2.14
C LYS A 74 -7.19 -19.65 -1.12
N VAL A 75 -7.56 -19.81 0.14
CA VAL A 75 -7.05 -18.94 1.20
C VAL A 75 -5.54 -19.05 1.30
N ASP A 76 -5.01 -20.25 1.11
CA ASP A 76 -3.55 -20.43 1.16
C ASP A 76 -2.87 -19.59 0.08
N ASP A 77 -3.41 -19.59 -1.14
CA ASP A 77 -2.85 -18.74 -2.18
C ASP A 77 -3.03 -17.26 -1.83
N GLN A 78 -4.21 -16.89 -1.34
CA GLN A 78 -4.44 -15.50 -0.94
C GLN A 78 -3.42 -15.05 0.07
N MET A 79 -3.13 -15.90 1.07
CA MET A 79 -2.17 -15.52 2.10
C MET A 79 -0.78 -15.30 1.52
N LYS A 80 -0.36 -16.16 0.59
CA LYS A 80 0.98 -16.02 0.02
C LYS A 80 1.10 -14.74 -0.79
N LEU A 81 0.06 -14.36 -1.52
CA LEU A 81 0.11 -13.12 -2.30
C LEU A 81 0.22 -11.91 -1.37
N LEU A 82 -0.62 -11.84 -0.34
CA LEU A 82 -0.58 -10.69 0.55
C LEU A 82 0.71 -10.65 1.37
N GLN A 83 1.24 -11.81 1.73
N GLN A 83 1.23 -11.81 1.73
CA GLN A 83 2.51 -11.82 2.47
CA GLN A 83 2.50 -11.83 2.45
C GLN A 83 3.66 -11.32 1.61
C GLN A 83 3.63 -11.26 1.61
N ASN A 84 3.54 -11.42 0.28
CA ASN A 84 4.59 -10.96 -0.61
C ASN A 84 4.53 -9.46 -0.87
N CYS A 85 3.34 -8.84 -0.84
CA CYS A 85 3.18 -7.49 -1.35
C CYS A 85 2.59 -6.51 -0.35
N TRP A 86 2.40 -6.92 0.92
CA TRP A 86 1.69 -6.05 1.85
C TRP A 86 2.37 -4.70 1.99
N SER A 87 3.70 -4.69 2.11
CA SER A 87 4.41 -3.43 2.29
C SER A 87 4.40 -2.59 1.02
N GLU A 88 4.41 -3.23 -0.15
CA GLU A 88 4.31 -2.48 -1.40
C GLU A 88 2.97 -1.75 -1.50
N LEU A 89 1.89 -2.40 -1.07
CA LEU A 89 0.57 -1.78 -1.16
C LEU A 89 0.45 -0.61 -0.20
N LEU A 90 1.04 -0.73 1.00
CA LEU A 90 1.10 0.40 1.92
C LEU A 90 1.81 1.59 1.26
N ILE A 91 3.01 1.34 0.72
CA ILE A 91 3.80 2.41 0.14
C ILE A 91 3.11 3.00 -1.08
N LEU A 92 2.54 2.13 -1.93
CA LEU A 92 1.82 2.64 -3.10
C LEU A 92 0.62 3.47 -2.68
N ASP A 93 -0.12 3.02 -1.67
CA ASP A 93 -1.23 3.81 -1.14
C ASP A 93 -0.72 5.14 -0.61
N HIS A 94 0.40 5.13 0.11
CA HIS A 94 0.98 6.39 0.59
C HIS A 94 1.34 7.30 -0.58
N ILE A 95 2.04 6.75 -1.58
CA ILE A 95 2.47 7.56 -2.71
C ILE A 95 1.27 8.21 -3.40
N TYR A 96 0.25 7.40 -3.70
CA TYR A 96 -0.90 7.94 -4.43
C TYR A 96 -1.63 9.01 -3.62
N ARG A 97 -1.68 8.86 -2.30
CA ARG A 97 -2.32 9.87 -1.48
C ARG A 97 -1.60 11.21 -1.59
N GLN A 98 -0.26 11.19 -1.66
CA GLN A 98 0.47 12.44 -1.82
C GLN A 98 0.29 13.02 -3.22
N VAL A 99 0.22 12.16 -4.23
CA VAL A 99 -0.04 12.63 -5.59
C VAL A 99 -1.35 13.40 -5.65
N VAL A 100 -2.39 12.85 -5.02
CA VAL A 100 -3.72 13.45 -5.10
C VAL A 100 -3.80 14.67 -4.18
N HIS A 101 -3.38 14.53 -2.93
CA HIS A 101 -3.63 15.53 -1.90
C HIS A 101 -2.37 16.23 -1.41
N GLY A 102 -1.19 15.82 -1.88
CA GLY A 102 0.03 16.33 -1.30
C GLY A 102 0.26 17.80 -1.63
N LYS A 103 0.78 18.52 -0.64
CA LYS A 103 1.30 19.86 -0.84
C LYS A 103 2.78 19.87 -0.46
N GLU A 104 3.55 20.75 -1.09
CA GLU A 104 4.97 20.83 -0.79
C GLU A 104 5.18 21.09 0.70
N GLY A 105 6.09 20.32 1.29
CA GLY A 105 6.44 20.50 2.69
C GLY A 105 5.53 19.83 3.69
N SER A 106 4.54 19.06 3.24
CA SER A 106 3.62 18.38 4.15
C SER A 106 3.38 16.96 3.67
N ILE A 107 2.93 16.12 4.60
CA ILE A 107 2.58 14.73 4.34
C ILE A 107 1.13 14.54 4.75
N PHE A 108 0.37 13.83 3.91
CA PHE A 108 -1.03 13.54 4.20
C PHE A 108 -1.16 12.09 4.62
N LEU A 109 -1.66 11.88 5.83
CA LEU A 109 -1.79 10.54 6.40
C LEU A 109 -3.13 9.93 6.03
N VAL A 110 -3.25 8.62 6.26
CA VAL A 110 -4.46 7.89 5.91
C VAL A 110 -5.65 8.38 6.72
N THR A 111 -5.41 9.07 7.83
CA THR A 111 -6.47 9.61 8.66
C THR A 111 -7.08 10.89 8.10
N GLY A 112 -6.54 11.43 7.02
CA GLY A 112 -6.90 12.76 6.57
C GLY A 112 -6.11 13.87 7.23
N GLN A 113 -5.15 13.54 8.09
CA GLN A 113 -4.32 14.54 8.73
C GLN A 113 -3.23 15.02 7.79
N GLN A 114 -2.92 16.32 7.87
CA GLN A 114 -1.80 16.92 7.18
C GLN A 114 -0.73 17.29 8.21
N VAL A 115 0.49 16.82 8.00
CA VAL A 115 1.60 17.05 8.93
C VAL A 115 2.77 17.64 8.17
N ASP A 116 3.45 18.59 8.79
CA ASP A 116 4.61 19.24 8.18
C ASP A 116 5.78 18.27 8.14
N TYR A 117 6.51 18.28 7.01
CA TYR A 117 7.65 17.38 6.87
C TYR A 117 8.75 17.72 7.88
N SER A 118 8.96 19.01 8.16
CA SER A 118 9.98 19.39 9.13
C SER A 118 9.69 18.77 10.50
N ILE A 119 8.42 18.62 10.85
CA ILE A 119 8.07 17.95 12.10
C ILE A 119 8.38 16.47 12.01
N ILE A 120 7.95 15.83 10.92
CA ILE A 120 8.18 14.39 10.75
C ILE A 120 9.67 14.11 10.66
N ALA A 121 10.38 14.85 9.80
CA ALA A 121 11.79 14.58 9.57
C ALA A 121 12.62 14.78 10.83
N SER A 122 12.14 15.60 11.78
CA SER A 122 12.85 15.73 13.05
C SER A 122 12.77 14.45 13.86
N GLN A 123 11.74 13.65 13.67
CA GLN A 123 11.44 12.51 14.52
C GLN A 123 11.75 11.16 13.90
N ALA A 124 11.74 11.07 12.57
CA ALA A 124 11.70 9.77 11.90
C ALA A 124 13.05 9.07 11.85
N GLY A 125 14.15 9.80 11.95
CA GLY A 125 15.48 9.22 11.84
C GLY A 125 15.94 9.12 10.40
N ALA A 126 17.25 8.86 10.25
CA ALA A 126 17.88 8.94 8.94
C ALA A 126 17.30 7.92 7.97
N THR A 127 17.14 6.68 8.39
CA THR A 127 16.69 5.63 7.48
C THR A 127 15.30 5.94 6.94
N LEU A 128 14.35 6.25 7.82
CA LEU A 128 12.99 6.53 7.37
C LEU A 128 12.93 7.85 6.60
N ASN A 129 13.76 8.82 6.97
CA ASN A 129 13.83 10.05 6.18
C ASN A 129 14.33 9.77 4.78
N ASN A 130 15.31 8.87 4.65
CA ASN A 130 15.83 8.49 3.34
C ASN A 130 14.74 7.81 2.51
N LEU A 131 14.05 6.84 3.11
CA LEU A 131 13.01 6.11 2.37
C LEU A 131 11.84 7.01 2.02
N MET A 132 11.47 7.93 2.91
CA MET A 132 10.39 8.87 2.61
CA MET A 132 10.40 8.88 2.61
C MET A 132 10.81 9.82 1.49
N SER A 133 12.08 10.24 1.47
CA SER A 133 12.55 11.09 0.38
C SER A 133 12.52 10.35 -0.95
N HIS A 134 12.96 9.10 -0.97
CA HIS A 134 12.85 8.30 -2.19
C HIS A 134 11.40 8.19 -2.64
N ALA A 135 10.48 7.95 -1.69
CA ALA A 135 9.07 7.89 -2.03
C ALA A 135 8.58 9.22 -2.59
N GLN A 136 9.05 10.33 -2.00
CA GLN A 136 8.61 11.64 -2.47
C GLN A 136 9.12 11.93 -3.88
N GLU A 137 10.28 11.38 -4.24
CA GLU A 137 10.76 11.52 -5.61
C GLU A 137 9.84 10.80 -6.59
N LEU A 138 9.28 9.64 -6.18
CA LEU A 138 8.29 8.98 -7.01
C LEU A 138 7.01 9.80 -7.11
N VAL A 139 6.61 10.45 -6.01
CA VAL A 139 5.43 11.30 -6.02
C VAL A 139 5.56 12.36 -7.10
N ALA A 140 6.65 13.14 -7.04
CA ALA A 140 6.85 14.21 -8.03
C ALA A 140 6.89 13.65 -9.44
N LYS A 141 7.56 12.51 -9.63
CA LYS A 141 7.59 11.88 -10.94
C LYS A 141 6.17 11.53 -11.41
N LEU A 142 5.40 10.88 -10.54
CA LEU A 142 4.05 10.46 -10.93
C LEU A 142 3.15 11.67 -11.14
N ARG A 143 3.33 12.74 -10.36
CA ARG A 143 2.50 13.92 -10.56
C ARG A 143 2.80 14.58 -11.90
N SER A 144 4.07 14.58 -12.31
CA SER A 144 4.43 15.16 -13.61
C SER A 144 3.93 14.31 -14.77
N LEU A 145 3.66 13.02 -14.53
CA LEU A 145 3.11 12.15 -15.56
C LEU A 145 1.58 12.19 -15.59
N GLN A 146 0.94 12.93 -14.68
CA GLN A 146 -0.52 12.96 -14.59
C GLN A 146 -1.08 11.57 -14.25
N PHE A 147 -0.43 10.93 -13.28
CA PHE A 147 -0.88 9.65 -12.74
C PHE A 147 -2.31 9.77 -12.22
N ASP A 148 -3.21 8.93 -12.72
CA ASP A 148 -4.62 9.02 -12.39
C ASP A 148 -5.12 7.72 -11.76
N GLN A 149 -6.41 7.72 -11.39
CA GLN A 149 -6.94 6.62 -10.59
C GLN A 149 -6.99 5.32 -11.38
N ARG A 150 -7.31 5.38 -12.67
CA ARG A 150 -7.35 4.16 -13.47
C ARG A 150 -5.99 3.48 -13.51
N GLU A 151 -4.93 4.28 -13.70
CA GLU A 151 -3.58 3.73 -13.66
C GLU A 151 -3.23 3.23 -12.26
N PHE A 152 -3.71 3.93 -11.23
CA PHE A 152 -3.40 3.54 -9.87
C PHE A 152 -3.94 2.15 -9.55
N VAL A 153 -5.19 1.87 -9.91
CA VAL A 153 -5.78 0.58 -9.60
CA VAL A 153 -5.77 0.57 -9.60
C VAL A 153 -5.09 -0.52 -10.40
N CYS A 154 -4.62 -0.21 -11.61
CA CYS A 154 -3.85 -1.19 -12.36
C CYS A 154 -2.59 -1.59 -11.61
N LEU A 155 -1.82 -0.59 -11.15
CA LEU A 155 -0.60 -0.87 -10.42
C LEU A 155 -0.88 -1.63 -9.14
N LYS A 156 -1.98 -1.31 -8.46
CA LYS A 156 -2.38 -2.07 -7.28
C LYS A 156 -2.47 -3.55 -7.61
N PHE A 157 -3.15 -3.88 -8.72
CA PHE A 157 -3.33 -5.28 -9.08
C PHE A 157 -2.04 -5.90 -9.60
N LEU A 158 -1.20 -5.12 -10.28
CA LEU A 158 0.10 -5.64 -10.70
C LEU A 158 1.01 -5.90 -9.51
N VAL A 159 0.87 -5.11 -8.44
CA VAL A 159 1.61 -5.37 -7.22
C VAL A 159 1.06 -6.58 -6.50
N LEU A 160 -0.27 -6.67 -6.40
CA LEU A 160 -0.89 -7.79 -5.69
C LEU A 160 -0.61 -9.12 -6.39
N PHE A 161 -0.79 -9.15 -7.72
CA PHE A 161 -0.62 -10.39 -8.48
C PHE A 161 0.80 -10.44 -9.06
N SER A 162 1.75 -10.68 -8.16
CA SER A 162 3.17 -10.65 -8.49
C SER A 162 3.64 -12.00 -8.96
N LEU A 163 4.45 -12.01 -10.02
CA LEU A 163 5.07 -13.23 -10.50
C LEU A 163 6.18 -13.72 -9.59
N ASP A 164 6.60 -12.91 -8.61
CA ASP A 164 7.63 -13.30 -7.67
C ASP A 164 7.13 -14.28 -6.61
N VAL A 165 5.82 -14.52 -6.53
CA VAL A 165 5.27 -15.38 -5.49
C VAL A 165 5.41 -16.84 -5.91
N LYS A 166 6.02 -17.63 -5.03
CA LYS A 166 6.34 -19.03 -5.29
C LYS A 166 5.35 -19.93 -4.56
N ASN A 167 5.20 -21.15 -5.08
CA ASN A 167 4.46 -22.23 -4.42
C ASN A 167 2.96 -22.01 -4.43
N LEU A 168 2.44 -21.33 -5.44
CA LEU A 168 1.00 -21.13 -5.57
C LEU A 168 0.35 -22.35 -6.21
N GLU A 169 -0.84 -22.70 -5.71
CA GLU A 169 -1.62 -23.76 -6.35
C GLU A 169 -2.12 -23.31 -7.71
N ASN A 170 -2.50 -22.05 -7.84
CA ASN A 170 -3.03 -21.53 -9.10
C ASN A 170 -2.16 -20.40 -9.64
N PHE A 171 -0.90 -20.69 -9.96
CA PHE A 171 -0.01 -19.68 -10.48
C PHE A 171 -0.46 -19.17 -11.84
N GLN A 172 -1.30 -19.93 -12.54
CA GLN A 172 -1.74 -19.51 -13.87
C GLN A 172 -2.68 -18.31 -13.78
N LEU A 173 -3.53 -18.26 -12.75
CA LEU A 173 -4.37 -17.07 -12.56
C LEU A 173 -3.51 -15.84 -12.35
N VAL A 174 -2.55 -15.93 -11.43
CA VAL A 174 -1.66 -14.79 -11.15
C VAL A 174 -0.97 -14.35 -12.43
N GLU A 175 -0.44 -15.31 -13.19
CA GLU A 175 0.17 -14.98 -14.46
C GLU A 175 -0.83 -14.35 -15.42
N GLY A 176 -2.06 -14.87 -15.45
CA GLY A 176 -3.06 -14.32 -16.35
C GLY A 176 -3.46 -12.90 -16.00
N VAL A 177 -3.74 -12.66 -14.71
CA VAL A 177 -4.11 -11.31 -14.27
C VAL A 177 -2.97 -10.33 -14.57
N GLN A 178 -1.74 -10.71 -14.22
CA GLN A 178 -0.60 -9.86 -14.50
C GLN A 178 -0.53 -9.50 -15.98
N GLU A 179 -0.79 -10.47 -16.85
CA GLU A 179 -0.71 -10.22 -18.29
C GLU A 179 -1.85 -9.33 -18.76
N GLN A 180 -3.07 -9.63 -18.33
CA GLN A 180 -4.23 -8.89 -18.85
C GLN A 180 -4.31 -7.48 -18.29
N VAL A 181 -3.90 -7.29 -17.03
CA VAL A 181 -3.82 -5.94 -16.49
C VAL A 181 -2.76 -5.13 -17.22
N ASN A 182 -1.63 -5.75 -17.56
CA ASN A 182 -0.61 -5.08 -18.35
C ASN A 182 -1.18 -4.62 -19.69
N ALA A 183 -1.84 -5.53 -20.40
CA ALA A 183 -2.41 -5.17 -21.70
C ALA A 183 -3.46 -4.09 -21.56
N ALA A 184 -4.25 -4.14 -20.47
CA ALA A 184 -5.26 -3.11 -20.24
C ALA A 184 -4.62 -1.76 -19.97
N LEU A 185 -3.56 -1.74 -19.14
CA LEU A 185 -2.86 -0.49 -18.87
C LEU A 185 -2.23 0.07 -20.14
N LEU A 186 -1.55 -0.80 -20.89
CA LEU A 186 -0.99 -0.40 -22.17
C LEU A 186 -2.06 0.21 -23.08
N ASP A 187 -3.24 -0.41 -23.11
CA ASP A 187 -4.32 0.11 -23.93
C ASP A 187 -4.84 1.43 -23.38
N TYR A 188 -5.03 1.51 -22.05
CA TYR A 188 -5.60 2.71 -21.45
C TYR A 188 -4.71 3.91 -21.67
N THR A 189 -3.41 3.78 -21.42
CA THR A 189 -2.50 4.90 -21.56
C THR A 189 -2.44 5.36 -23.02
N MET A 190 -2.47 4.42 -23.96
CA MET A 190 -2.41 4.78 -25.37
C MET A 190 -3.62 5.59 -25.80
N CYS A 191 -4.80 5.23 -25.28
CA CYS A 191 -6.03 5.90 -25.71
C CYS A 191 -6.21 7.25 -25.02
N ASN A 192 -5.89 7.33 -23.73
CA ASN A 192 -6.20 8.52 -22.94
C ASN A 192 -5.04 9.51 -22.84
N TYR A 193 -3.81 9.08 -23.09
CA TYR A 193 -2.64 9.96 -23.08
C TYR A 193 -1.81 9.71 -24.33
N PRO A 194 -2.42 9.87 -25.52
CA PRO A 194 -1.75 9.45 -26.75
C PRO A 194 -0.44 10.17 -27.02
N GLN A 195 -0.24 11.35 -26.46
CA GLN A 195 0.98 12.11 -26.71
C GLN A 195 2.11 11.74 -25.75
N GLN A 196 1.83 11.03 -24.66
CA GLN A 196 2.85 10.65 -23.69
C GLN A 196 3.31 9.23 -23.98
N THR A 197 4.22 9.11 -24.95
CA THR A 197 4.78 7.81 -25.29
C THR A 197 5.41 7.13 -24.09
N GLU A 198 6.05 7.92 -23.22
CA GLU A 198 6.84 7.35 -22.13
C GLU A 198 6.02 6.97 -20.92
N LYS A 199 4.71 7.21 -20.93
CA LYS A 199 3.92 7.04 -19.71
C LYS A 199 3.88 5.59 -19.25
N PHE A 200 3.56 4.67 -20.17
CA PHE A 200 3.49 3.27 -19.80
C PHE A 200 4.78 2.81 -19.13
N GLY A 201 5.91 2.99 -19.80
CA GLY A 201 7.18 2.55 -19.24
C GLY A 201 7.50 3.23 -17.92
N GLN A 202 7.28 4.54 -17.83
CA GLN A 202 7.57 5.25 -16.60
C GLN A 202 6.75 4.71 -15.44
N LEU A 203 5.48 4.35 -15.69
CA LEU A 203 4.66 3.75 -14.65
C LEU A 203 5.23 2.41 -14.22
N LEU A 204 5.49 1.51 -15.18
CA LEU A 204 6.00 0.19 -14.84
C LEU A 204 7.34 0.30 -14.10
N LEU A 205 8.17 1.27 -14.47
CA LEU A 205 9.47 1.41 -13.83
C LEU A 205 9.36 1.82 -12.37
N ARG A 206 8.21 2.38 -11.95
CA ARG A 206 8.03 2.71 -10.54
C ARG A 206 7.86 1.47 -9.68
N LEU A 207 7.41 0.35 -10.27
CA LEU A 207 7.11 -0.83 -9.45
C LEU A 207 8.38 -1.43 -8.84
N PRO A 208 9.47 -1.62 -9.60
CA PRO A 208 10.71 -2.03 -8.93
C PRO A 208 11.17 -1.05 -7.87
N GLU A 209 11.00 0.26 -8.12
CA GLU A 209 11.40 1.26 -7.14
C GLU A 209 10.53 1.19 -5.89
N ILE A 210 9.21 1.02 -6.07
CA ILE A 210 8.32 0.83 -4.92
C ILE A 210 8.69 -0.46 -4.19
N ARG A 211 8.91 -1.54 -4.95
CA ARG A 211 9.38 -2.78 -4.35
C ARG A 211 10.62 -2.55 -3.51
N ALA A 212 11.58 -1.80 -4.04
CA ALA A 212 12.82 -1.54 -3.31
C ALA A 212 12.56 -0.75 -2.04
N ILE A 213 11.77 0.32 -2.14
CA ILE A 213 11.47 1.13 -0.96
C ILE A 213 10.72 0.29 0.07
N SER A 214 9.74 -0.51 -0.39
CA SER A 214 8.90 -1.25 0.55
C SER A 214 9.69 -2.36 1.23
N MET A 215 10.54 -3.07 0.49
N MET A 215 10.53 -3.08 0.48
CA MET A 215 11.32 -4.15 1.10
CA MET A 215 11.33 -4.15 1.09
C MET A 215 12.35 -3.58 2.08
C MET A 215 12.33 -3.58 2.09
N GLN A 216 12.98 -2.46 1.74
CA GLN A 216 13.88 -1.81 2.69
C GLN A 216 13.13 -1.31 3.90
N ALA A 217 11.90 -0.85 3.72
CA ALA A 217 11.08 -0.41 4.84
C ALA A 217 10.73 -1.58 5.75
N GLU A 218 10.38 -2.73 5.16
CA GLU A 218 10.13 -3.92 5.96
C GLU A 218 11.36 -4.28 6.79
N GLU A 219 12.54 -4.32 6.15
CA GLU A 219 13.76 -4.66 6.86
C GLU A 219 14.02 -3.69 8.01
N TYR A 220 13.77 -2.41 7.79
CA TYR A 220 13.95 -1.43 8.86
C TYR A 220 12.98 -1.70 10.01
N LEU A 221 11.72 -1.93 9.70
CA LEU A 221 10.73 -2.16 10.74
C LEU A 221 11.02 -3.45 11.51
N TYR A 222 11.47 -4.49 10.81
CA TYR A 222 11.90 -5.70 11.50
C TYR A 222 13.01 -5.38 12.49
N TYR A 223 13.96 -4.53 12.09
CA TYR A 223 15.01 -4.08 13.01
C TYR A 223 14.40 -3.38 14.21
N LYS A 224 13.45 -2.47 13.97
CA LYS A 224 12.83 -1.74 15.07
C LYS A 224 12.06 -2.67 15.98
N HIS A 225 11.44 -3.72 15.43
CA HIS A 225 10.77 -4.70 16.28
C HIS A 225 11.77 -5.47 17.12
N LEU A 226 12.80 -6.04 16.49
CA LEU A 226 13.85 -6.71 17.24
C LEU A 226 14.46 -5.81 18.30
N ASN A 227 14.47 -4.49 18.05
CA ASN A 227 15.05 -3.54 18.99
C ASN A 227 14.11 -3.20 20.14
N GLY A 228 12.86 -3.63 20.08
CA GLY A 228 11.90 -3.37 21.14
C GLY A 228 11.09 -2.11 20.97
N ASP A 229 10.96 -1.59 19.75
CA ASP A 229 10.36 -0.28 19.52
C ASP A 229 8.93 -0.34 18.98
N VAL A 230 8.47 -1.47 18.48
CA VAL A 230 7.16 -1.54 17.85
C VAL A 230 6.10 -1.88 18.88
N PRO A 231 4.99 -1.12 18.96
CA PRO A 231 3.83 -1.59 19.73
C PRO A 231 3.46 -3.02 19.34
N TYR A 232 3.44 -3.92 20.32
CA TYR A 232 3.43 -5.34 20.04
C TYR A 232 2.03 -5.83 19.66
N ASN A 233 1.97 -7.13 19.32
CA ASN A 233 0.74 -7.83 18.95
C ASN A 233 -0.18 -6.99 18.09
N ASN A 234 -0.01 -7.08 16.77
CA ASN A 234 -0.99 -6.59 15.82
C ASN A 234 -0.64 -7.17 14.46
N LEU A 235 -1.47 -6.83 13.46
CA LEU A 235 -1.29 -7.40 12.12
C LEU A 235 0.05 -7.01 11.53
N LEU A 236 0.53 -5.82 11.84
CA LEU A 236 1.81 -5.37 11.31
C LEU A 236 2.93 -6.33 11.68
N ILE A 237 2.97 -6.76 12.94
CA ILE A 237 4.02 -7.68 13.38
C ILE A 237 3.86 -9.03 12.70
N GLU A 238 2.62 -9.51 12.56
CA GLU A 238 2.41 -10.82 11.94
C GLU A 238 2.91 -10.83 10.49
N MET A 239 2.67 -9.74 9.75
CA MET A 239 3.14 -9.69 8.37
C MET A 239 4.66 -9.64 8.31
N LEU A 240 5.30 -8.95 9.26
CA LEU A 240 6.75 -8.87 9.27
C LEU A 240 7.39 -10.25 9.41
N HIS A 241 6.88 -11.07 10.34
CA HIS A 241 7.52 -12.33 10.65
C HIS A 241 7.22 -13.39 9.60
N ALA A 242 6.00 -13.41 9.07
CA ALA A 242 5.63 -14.40 8.05
C ALA A 242 6.20 -14.03 6.70
N ASN B 3 0.57 -17.69 9.89
CA ASN B 3 -0.08 -16.42 10.17
C ASN B 3 -1.59 -16.62 10.38
N ALA B 4 -1.95 -17.05 11.60
CA ALA B 4 -3.35 -17.31 11.90
C ALA B 4 -4.20 -16.06 11.73
N LEU B 5 -3.68 -14.90 12.11
CA LEU B 5 -4.46 -13.67 12.03
C LEU B 5 -4.85 -13.35 10.59
N LEU B 6 -3.89 -13.46 9.66
CA LEU B 6 -4.21 -13.20 8.25
C LEU B 6 -5.22 -14.20 7.72
N ARG B 7 -5.06 -15.48 8.06
CA ARG B 7 -6.05 -16.48 7.66
C ARG B 7 -7.43 -16.12 8.21
N TYR B 8 -7.48 -15.67 9.47
CA TYR B 8 -8.76 -15.32 10.08
C TYR B 8 -9.43 -14.15 9.36
N LEU B 9 -8.64 -13.13 9.01
CA LEU B 9 -9.21 -11.97 8.33
C LEU B 9 -9.74 -12.34 6.95
N LEU B 10 -9.16 -13.36 6.31
CA LEU B 10 -9.63 -13.78 5.00
C LEU B 10 -10.82 -14.72 5.08
N ASP B 11 -11.02 -15.39 6.22
CA ASP B 11 -12.09 -16.38 6.37
C ASP B 11 -13.28 -15.89 7.18
N LYS B 12 -13.09 -14.91 8.06
CA LYS B 12 -14.15 -14.55 8.99
C LYS B 12 -15.40 -14.08 8.25
N ASP B 13 -16.56 -14.43 8.80
CA ASP B 13 -17.84 -14.12 8.18
C ASP B 13 -18.31 -12.72 8.58
#